data_7I2E
#
_entry.id   7I2E
#
_cell.length_a   82.492
_cell.length_b   116.856
_cell.length_c   148.924
_cell.angle_alpha   90.00
_cell.angle_beta   90.00
_cell.angle_gamma   90.00
#
_symmetry.space_group_name_H-M   'I 2 2 2'
#
loop_
_entity.id
_entity.type
_entity.pdbx_description
1 polymer 'NS5 RNA-dependent RNA polymerase'
2 non-polymer 'ZINC ION'
3 non-polymer '2-(N-MORPHOLINO)-ETHANESULFONIC ACID'
4 non-polymer 'DIMETHYL SULFOXIDE'
5 non-polymer 'PHOSPHATE ION'
6 non-polymer DI(HYDROXYETHYL)ETHER
7 non-polymer N-[(1R)-1-(2,4-dimethyl-1,3-thiazol-5-yl)ethyl]-2-methylpropanamide
8 non-polymer 'CHLORIDE ION'
9 water water
#
_entity_poly.entity_id   1
_entity_poly.type   'polypeptide(L)'
_entity_poly.pdbx_seq_one_letter_code
;GPGIESETPNLDIIGKRIEKIKQEHETSWHYDQDHPYKTWAYHGSYETKQTGSASSMVNGVVRLLTKPWDIIPMVTQMAM
TDTTPFGQQRVFKEKVDTRTQEPKEGTKKLMKITAEWLWKELGKKKTPRMCTREEFTRKVRSNAALGAIFTDENKWKSAR
EAVEDSGFWELVDKERNLHLEGKCETCVYNMMGKREKKLGEFGKAKGSRAIWYMWLGARFLEFEALGFLNEDHWFSRENS
LSGVEGEGLHKLGYILRDVSKKEGGAMYADDTAGWDTRITLEDLKNEEMVTNHMEGEHKKLAEAIFKLTYQNKVVRVQRP
TPRGTVMDIISRRDQRGSGQVVTYGLNTFTNMEAQLIRQMEGEGVFKSIQHLTVTEEIAVKNWLVRVGRERLSRMAISGD
DCVVKPLDDRFASALTALNDMGKVRKDIQQWEPSRGWNDWTQVPFCSHHFHELIMKDGRVLVVPCRNQDELIGRARISQG
AGWSLRETACLGKSYAQMWSLMYFHRRDLRLAANAICSAVPSHWVPTSRTTWSIHATHEWMTTEDMLTVWNRVWIQENPW
MEDKTPVESWEEIPYLGKREDQWCGSLIGLTSRATWAKNIQTAINQVRSLIGNEEYTDYMPSMKRFRREEEEAGVLW
;
_entity_poly.pdbx_strand_id   A
#
# COMPACT_ATOMS: atom_id res chain seq x y z
N ASN A 10 8.94 6.61 30.33
CA ASN A 10 7.60 6.01 30.55
C ASN A 10 6.63 7.16 30.87
N LEU A 11 6.06 7.18 32.09
CA LEU A 11 4.71 7.77 32.38
C LEU A 11 4.73 9.29 32.25
N ASP A 12 5.91 9.93 32.29
CA ASP A 12 6.03 11.40 32.11
C ASP A 12 5.62 11.78 30.68
N ILE A 13 5.91 10.98 29.65
CA ILE A 13 5.58 11.32 28.23
C ILE A 13 4.13 10.91 27.91
N ILE A 14 3.61 9.80 28.45
CA ILE A 14 2.26 9.29 28.12
C ILE A 14 1.17 9.65 29.18
N GLY A 15 1.59 9.93 30.42
CA GLY A 15 0.69 10.14 31.57
C GLY A 15 -0.30 11.26 31.35
N LYS A 16 0.11 12.32 30.65
CA LYS A 16 -0.72 13.53 30.37
C LYS A 16 -1.92 13.13 29.50
N ARG A 17 -1.68 12.31 28.47
CA ARG A 17 -2.75 11.71 27.61
C ARG A 17 -3.64 10.79 28.45
N ILE A 18 -3.02 9.99 29.33
CA ILE A 18 -3.73 8.99 30.19
C ILE A 18 -4.59 9.73 31.22
N GLU A 19 -4.04 10.77 31.86
CA GLU A 19 -4.75 11.64 32.84
C GLU A 19 -6.05 12.15 32.22
N LYS A 20 -5.98 12.73 31.02
CA LYS A 20 -7.13 13.38 30.32
C LYS A 20 -8.22 12.34 30.05
N ILE A 21 -7.85 11.11 29.68
CA ILE A 21 -8.85 10.02 29.38
C ILE A 21 -9.49 9.55 30.69
N LYS A 22 -8.68 9.29 31.73
CA LYS A 22 -9.12 8.99 33.12
C LYS A 22 -10.35 9.84 33.48
N GLN A 23 -10.27 11.16 33.32
CA GLN A 23 -11.28 12.15 33.78
C GLN A 23 -12.58 12.13 32.96
N GLU A 24 -12.48 11.97 31.64
CA GLU A 24 -13.63 11.94 30.69
C GLU A 24 -14.55 10.76 31.04
N HIS A 25 -14.03 9.73 31.71
CA HIS A 25 -14.78 8.51 32.11
C HIS A 25 -14.48 8.19 33.59
N GLU A 26 -14.60 9.20 34.46
CA GLU A 26 -14.34 9.11 35.92
C GLU A 26 -15.29 8.08 36.56
N THR A 27 -16.51 7.96 36.02
CA THR A 27 -17.60 7.08 36.53
C THR A 27 -17.24 5.60 36.35
N SER A 28 -16.45 5.25 35.31
CA SER A 28 -16.28 3.86 34.82
C SER A 28 -14.82 3.37 34.93
N TRP A 29 -13.91 4.15 35.52
CA TRP A 29 -12.45 3.84 35.53
C TRP A 29 -12.16 2.62 36.41
N HIS A 30 -12.39 1.42 35.88
CA HIS A 30 -12.15 0.12 36.55
C HIS A 30 -10.89 -0.55 35.98
N TYR A 31 -10.02 -1.07 36.85
CA TYR A 31 -8.80 -1.83 36.50
C TYR A 31 -9.14 -3.33 36.50
N ASP A 32 -9.54 -3.86 35.33
CA ASP A 32 -9.92 -5.28 35.13
C ASP A 32 -8.67 -6.15 35.31
N GLN A 33 -8.53 -6.77 36.48
CA GLN A 33 -7.32 -7.53 36.92
C GLN A 33 -7.07 -8.73 36.00
N ASP A 34 -8.09 -9.16 35.24
CA ASP A 34 -8.01 -10.29 34.27
C ASP A 34 -7.73 -9.75 32.87
N HIS A 35 -6.88 -8.73 32.74
CA HIS A 35 -6.52 -8.07 31.45
C HIS A 35 -5.67 -9.01 30.62
N PRO A 36 -5.97 -9.19 29.31
CA PRO A 36 -5.25 -10.17 28.48
C PRO A 36 -3.87 -9.72 27.95
N TYR A 37 -3.44 -8.50 28.25
CA TYR A 37 -2.18 -7.91 27.71
C TYR A 37 -0.97 -8.47 28.46
N LYS A 38 0.05 -8.89 27.69
CA LYS A 38 1.38 -9.30 28.20
C LYS A 38 2.50 -8.32 27.77
N THR A 39 2.54 -7.97 26.49
CA THR A 39 3.59 -7.10 25.87
C THR A 39 3.16 -5.63 25.97
N TRP A 40 1.87 -5.36 25.74
CA TRP A 40 1.25 -4.02 25.93
C TRP A 40 1.18 -3.68 27.43
N ALA A 41 1.58 -2.45 27.79
CA ALA A 41 1.50 -1.91 29.17
C ALA A 41 0.09 -1.35 29.40
N TYR A 42 -0.72 -2.07 30.19
CA TYR A 42 -2.14 -1.74 30.52
C TYR A 42 -2.18 -0.70 31.64
N HIS A 43 -3.10 0.26 31.54
CA HIS A 43 -3.27 1.39 32.50
C HIS A 43 -4.65 1.35 33.16
N GLY A 44 -5.72 1.10 32.40
CA GLY A 44 -7.09 1.03 32.95
C GLY A 44 -8.14 0.77 31.89
N SER A 45 -9.41 0.68 32.29
CA SER A 45 -10.57 0.42 31.41
C SER A 45 -11.68 1.43 31.70
N TYR A 46 -12.70 1.46 30.85
CA TYR A 46 -13.95 2.26 31.01
C TYR A 46 -15.03 1.71 30.07
N GLU A 47 -16.27 2.20 30.24
CA GLU A 47 -17.51 1.62 29.66
C GLU A 47 -17.76 2.21 28.26
N THR A 48 -17.99 1.35 27.26
CA THR A 48 -18.36 1.70 25.87
C THR A 48 -19.26 0.60 25.29
N LYS A 49 -19.89 0.87 24.13
CA LYS A 49 -20.74 -0.09 23.39
C LYS A 49 -20.76 0.28 21.90
N SER A 55 -19.39 -4.29 7.82
CA SER A 55 -19.08 -5.54 7.06
C SER A 55 -19.10 -5.28 5.53
N SER A 56 -18.68 -6.28 4.75
CA SER A 56 -18.52 -6.20 3.28
C SER A 56 -19.88 -6.45 2.62
N MET A 57 -20.38 -5.47 1.87
CA MET A 57 -21.68 -5.53 1.15
C MET A 57 -21.44 -5.90 -0.32
N VAL A 58 -22.39 -6.52 -1.00
CA VAL A 58 -22.22 -6.93 -2.41
C VAL A 58 -22.63 -5.79 -3.33
N ASN A 59 -21.83 -5.52 -4.34
CA ASN A 59 -22.17 -4.63 -5.48
C ASN A 59 -23.05 -5.38 -6.48
N GLY A 60 -24.35 -5.08 -6.49
CA GLY A 60 -25.37 -5.74 -7.33
C GLY A 60 -25.18 -5.56 -8.82
N VAL A 61 -24.69 -4.40 -9.24
CA VAL A 61 -24.41 -4.14 -10.66
C VAL A 61 -23.33 -5.10 -11.14
N VAL A 62 -22.20 -5.20 -10.45
CA VAL A 62 -21.09 -6.10 -10.91
C VAL A 62 -21.56 -7.57 -10.77
N ARG A 63 -22.29 -7.95 -9.70
CA ARG A 63 -22.67 -9.37 -9.56
C ARG A 63 -23.67 -9.75 -10.64
N LEU A 64 -24.66 -8.92 -10.95
CA LEU A 64 -25.61 -9.28 -12.07
C LEU A 64 -24.88 -9.44 -13.40
N LEU A 65 -23.75 -8.78 -13.61
CA LEU A 65 -23.01 -8.91 -14.91
C LEU A 65 -21.86 -9.93 -14.86
N THR A 66 -21.72 -10.68 -13.77
CA THR A 66 -20.71 -11.76 -13.65
C THR A 66 -21.41 -13.05 -13.13
N LYS A 67 -22.49 -13.43 -13.75
CA LYS A 67 -23.29 -14.59 -13.26
C LYS A 67 -22.49 -15.91 -13.14
N PRO A 68 -21.62 -16.30 -14.07
CA PRO A 68 -20.94 -17.59 -14.02
C PRO A 68 -20.18 -17.76 -12.70
N TRP A 69 -19.79 -16.64 -12.09
CA TRP A 69 -18.98 -16.61 -10.85
C TRP A 69 -19.87 -16.79 -9.62
N ASP A 70 -21.18 -16.85 -9.80
CA ASP A 70 -22.10 -17.02 -8.64
C ASP A 70 -21.96 -18.41 -8.00
N ILE A 71 -21.40 -19.38 -8.71
CA ILE A 71 -21.22 -20.80 -8.30
C ILE A 71 -19.72 -21.11 -8.06
N ILE A 72 -18.84 -20.13 -7.97
CA ILE A 72 -17.38 -20.32 -7.74
C ILE A 72 -17.08 -19.87 -6.33
N PRO A 73 -16.85 -20.83 -5.39
CA PRO A 73 -16.61 -20.46 -3.99
C PRO A 73 -15.45 -19.50 -3.76
N MET A 74 -14.38 -19.55 -4.53
CA MET A 74 -13.28 -18.57 -4.31
C MET A 74 -13.81 -17.14 -4.46
N VAL A 75 -14.79 -16.91 -5.33
CA VAL A 75 -15.41 -15.57 -5.53
C VAL A 75 -16.44 -15.33 -4.44
N THR A 76 -17.39 -16.23 -4.27
CA THR A 76 -18.57 -15.99 -3.40
C THR A 76 -18.19 -15.96 -1.93
N GLN A 77 -17.14 -16.67 -1.53
CA GLN A 77 -16.71 -16.66 -0.10
C GLN A 77 -16.04 -15.35 0.27
N MET A 78 -15.48 -14.61 -0.69
CA MET A 78 -14.80 -13.32 -0.39
C MET A 78 -15.78 -12.31 0.20
N ALA A 79 -17.07 -12.38 -0.11
CA ALA A 79 -18.07 -11.40 0.37
C ALA A 79 -18.61 -11.79 1.78
N MET A 80 -18.31 -12.97 2.32
CA MET A 80 -18.93 -13.46 3.60
C MET A 80 -18.13 -12.96 4.82
N THR A 81 -18.76 -12.80 5.99
CA THR A 81 -18.09 -12.83 7.32
C THR A 81 -18.04 -11.48 8.01
N LYS A 93 -5.18 -8.65 17.96
CA LYS A 93 -4.70 -9.92 17.38
C LYS A 93 -3.61 -10.52 18.27
N GLU A 94 -3.10 -11.70 17.91
CA GLU A 94 -2.04 -12.36 18.73
C GLU A 94 -0.68 -12.08 18.08
N LYS A 95 -0.64 -11.16 17.11
CA LYS A 95 0.65 -10.76 16.48
C LYS A 95 1.09 -9.42 17.09
N VAL A 96 0.13 -8.54 17.38
CA VAL A 96 0.44 -7.22 17.98
C VAL A 96 0.91 -7.42 19.42
N ASP A 97 0.27 -8.36 20.14
CA ASP A 97 0.67 -8.64 21.55
C ASP A 97 1.88 -9.57 21.54
N THR A 98 2.92 -9.21 20.77
CA THR A 98 4.16 -10.02 20.75
C THR A 98 5.35 -9.11 21.07
N ARG A 99 6.52 -9.68 21.33
CA ARG A 99 7.72 -8.88 21.67
C ARG A 99 8.83 -9.18 20.66
N THR A 100 9.70 -8.20 20.41
CA THR A 100 10.86 -8.32 19.48
C THR A 100 12.13 -8.05 20.29
N GLN A 101 13.10 -8.96 20.27
CA GLN A 101 14.38 -8.82 21.02
C GLN A 101 15.20 -7.64 20.46
N GLU A 102 16.03 -7.02 21.30
CA GLU A 102 17.00 -5.96 20.93
C GLU A 102 18.10 -6.57 20.04
N PRO A 103 18.43 -5.94 18.90
CA PRO A 103 19.53 -6.42 18.07
C PRO A 103 20.88 -6.31 18.80
N LYS A 104 21.82 -7.17 18.42
CA LYS A 104 23.26 -7.14 18.82
C LYS A 104 23.88 -5.80 18.43
N GLU A 105 25.06 -5.50 18.97
CA GLU A 105 25.78 -4.22 18.78
C GLU A 105 26.25 -4.09 17.33
N GLY A 106 26.74 -5.18 16.72
CA GLY A 106 27.12 -5.21 15.30
C GLY A 106 25.93 -4.82 14.43
N THR A 107 24.76 -5.43 14.66
CA THR A 107 23.52 -5.13 13.90
C THR A 107 23.14 -3.65 14.05
N LYS A 108 23.04 -3.13 15.29
CA LYS A 108 22.76 -1.68 15.59
C LYS A 108 23.72 -0.71 14.86
N LYS A 109 25.02 -1.00 14.80
CA LYS A 109 25.99 -0.17 14.04
C LYS A 109 25.67 -0.21 12.54
N LEU A 110 25.41 -1.40 11.98
CA LEU A 110 25.14 -1.58 10.51
C LEU A 110 23.92 -0.73 10.14
N MET A 111 22.88 -0.84 10.93
CA MET A 111 21.63 -0.09 10.71
C MET A 111 21.89 1.43 10.83
N LYS A 112 22.68 1.91 11.80
CA LYS A 112 22.86 3.38 12.03
C LYS A 112 23.66 3.95 10.87
N ILE A 113 24.76 3.29 10.48
CA ILE A 113 25.59 3.71 9.32
C ILE A 113 24.74 3.72 8.06
N THR A 114 23.97 2.64 7.83
CA THR A 114 23.18 2.53 6.58
C THR A 114 22.09 3.59 6.57
N ALA A 115 21.37 3.76 7.66
CA ALA A 115 20.28 4.76 7.74
C ALA A 115 20.84 6.19 7.56
N GLU A 116 21.96 6.51 8.18
CA GLU A 116 22.61 7.85 8.03
C GLU A 116 22.87 8.10 6.55
N TRP A 117 23.51 7.12 5.91
CA TRP A 117 23.85 7.18 4.46
C TRP A 117 22.57 7.32 3.62
N LEU A 118 21.51 6.59 3.96
CA LEU A 118 20.31 6.52 3.08
C LEU A 118 19.53 7.84 3.15
N TRP A 119 19.33 8.43 4.34
CA TRP A 119 18.69 9.78 4.45
C TRP A 119 19.43 10.83 3.61
N LYS A 120 20.76 10.84 3.69
CA LYS A 120 21.62 11.79 2.92
C LYS A 120 21.34 11.59 1.42
N GLU A 121 21.30 10.35 0.94
CA GLU A 121 21.09 10.04 -0.50
C GLU A 121 19.69 10.48 -0.92
N LEU A 122 18.67 10.24 -0.09
CA LEU A 122 17.27 10.58 -0.42
C LEU A 122 17.16 12.12 -0.41
N GLY A 123 17.94 12.78 0.45
CA GLY A 123 17.94 14.25 0.65
C GLY A 123 18.77 15.07 -0.33
N LYS A 124 19.60 14.43 -1.17
CA LYS A 124 20.53 15.13 -2.09
C LYS A 124 19.76 16.03 -3.08
N LYS A 125 18.59 15.59 -3.55
CA LYS A 125 17.79 16.34 -4.55
C LYS A 125 16.40 16.73 -4.02
N LYS A 126 16.18 16.70 -2.71
CA LYS A 126 14.87 17.05 -2.12
C LYS A 126 15.14 17.94 -0.92
N THR A 127 14.14 18.75 -0.55
CA THR A 127 14.20 19.65 0.64
C THR A 127 13.03 19.37 1.57
N PRO A 128 13.29 18.90 2.79
CA PRO A 128 12.23 18.69 3.75
C PRO A 128 11.50 20.03 3.98
N ARG A 129 10.21 19.96 4.25
CA ARG A 129 9.35 21.15 4.44
C ARG A 129 8.05 20.74 5.11
N MET A 130 7.38 21.69 5.76
CA MET A 130 6.05 21.47 6.38
C MET A 130 4.98 21.44 5.30
N CYS A 131 4.01 20.56 5.46
CA CYS A 131 2.77 20.57 4.65
C CYS A 131 1.74 21.51 5.33
N THR A 132 0.81 22.04 4.58
CA THR A 132 0.06 23.24 5.04
C THR A 132 -1.38 22.85 5.35
N ARG A 133 -2.04 23.66 6.18
CA ARG A 133 -3.51 23.54 6.46
C ARG A 133 -4.24 23.58 5.12
N GLU A 134 -3.79 24.45 4.20
CA GLU A 134 -4.35 24.57 2.84
C GLU A 134 -4.24 23.19 2.16
N GLU A 135 -3.04 22.56 2.20
CA GLU A 135 -2.81 21.25 1.54
C GLU A 135 -3.67 20.16 2.20
N PHE A 136 -3.71 20.16 3.54
CA PHE A 136 -4.52 19.22 4.34
C PHE A 136 -6.00 19.35 3.96
N THR A 137 -6.51 20.59 3.96
CA THR A 137 -7.93 20.93 3.64
C THR A 137 -8.29 20.47 2.22
N ARG A 138 -7.32 20.50 1.28
CA ARG A 138 -7.55 20.10 -0.13
C ARG A 138 -7.54 18.57 -0.26
N LYS A 139 -6.98 17.86 0.72
CA LYS A 139 -6.93 16.36 0.74
C LYS A 139 -8.25 15.81 1.29
N VAL A 140 -8.82 16.45 2.32
CA VAL A 140 -10.08 15.99 3.00
C VAL A 140 -11.25 16.19 2.04
N ARG A 141 -11.19 17.22 1.18
CA ARG A 141 -12.26 17.57 0.20
C ARG A 141 -12.10 16.73 -1.08
N SER A 142 -11.08 15.87 -1.16
CA SER A 142 -10.84 14.92 -2.27
C SER A 142 -11.07 13.47 -1.83
N ASN A 143 -11.59 13.27 -0.60
CA ASN A 143 -11.96 11.96 -0.02
C ASN A 143 -10.73 11.05 0.05
N ALA A 144 -9.59 11.58 0.51
CA ALA A 144 -8.33 10.83 0.75
C ALA A 144 -8.41 10.12 2.10
N ALA A 145 -8.02 8.85 2.15
CA ALA A 145 -8.08 7.98 3.36
C ALA A 145 -6.98 8.42 4.35
N LEU A 146 -7.38 9.15 5.40
CA LEU A 146 -6.47 9.69 6.44
C LEU A 146 -6.49 8.77 7.68
N GLY A 147 -7.58 8.05 7.93
CA GLY A 147 -7.73 7.20 9.12
C GLY A 147 -8.07 8.05 10.35
N ALA A 148 -9.14 8.84 10.26
CA ALA A 148 -9.61 9.77 11.31
C ALA A 148 -10.84 9.19 12.01
N ILE A 149 -10.99 9.47 13.31
CA ILE A 149 -12.13 8.99 14.16
C ILE A 149 -13.32 9.95 13.97
N LYS A 155 -18.53 16.53 18.20
CA LYS A 155 -18.74 17.95 17.82
C LYS A 155 -18.92 18.05 16.30
N TRP A 156 -18.01 17.44 15.52
CA TRP A 156 -18.03 17.43 14.03
C TRP A 156 -18.40 16.02 13.52
N LYS A 157 -19.34 15.95 12.58
CA LYS A 157 -19.79 14.68 11.94
C LYS A 157 -18.64 14.12 11.09
N SER A 158 -18.28 14.83 10.02
CA SER A 158 -17.21 14.46 9.06
C SER A 158 -16.03 15.44 9.17
N ALA A 159 -14.86 15.05 8.67
CA ALA A 159 -13.65 15.91 8.75
C ALA A 159 -13.84 17.20 7.95
N ARG A 160 -14.64 17.14 6.89
CA ARG A 160 -14.88 18.34 6.04
C ARG A 160 -15.44 19.45 6.92
N GLU A 161 -16.41 19.14 7.78
CA GLU A 161 -17.00 20.15 8.69
C GLU A 161 -15.92 20.68 9.63
N ALA A 162 -15.09 19.78 10.17
CA ALA A 162 -14.04 20.20 11.14
C ALA A 162 -13.06 21.17 10.46
N VAL A 163 -12.60 20.84 9.25
CA VAL A 163 -11.58 21.70 8.58
C VAL A 163 -12.20 23.07 8.29
N GLU A 164 -13.52 23.12 8.12
CA GLU A 164 -14.23 24.40 7.83
C GLU A 164 -14.39 25.19 9.14
N ASP A 165 -14.37 24.51 10.29
CA ASP A 165 -14.59 25.20 11.59
C ASP A 165 -13.26 25.70 12.17
N SER A 166 -13.19 27.00 12.48
CA SER A 166 -11.96 27.57 13.11
C SER A 166 -11.73 26.96 14.49
N GLY A 167 -12.79 26.55 15.18
CA GLY A 167 -12.76 25.89 16.49
C GLY A 167 -11.84 24.67 16.50
N PHE A 168 -11.94 23.82 15.47
CA PHE A 168 -11.03 22.67 15.22
C PHE A 168 -9.58 23.15 15.22
N TRP A 169 -9.27 24.12 14.36
CA TRP A 169 -7.90 24.70 14.19
C TRP A 169 -7.44 25.33 15.52
N GLU A 170 -8.38 25.78 16.36
CA GLU A 170 -8.09 26.28 17.74
C GLU A 170 -7.58 25.10 18.58
N LEU A 171 -8.18 23.91 18.42
CA LEU A 171 -7.77 22.67 19.14
C LEU A 171 -6.40 22.21 18.63
N VAL A 172 -6.20 22.27 17.32
CA VAL A 172 -4.91 21.91 16.63
C VAL A 172 -3.80 22.81 17.18
N ASP A 173 -4.04 24.13 17.20
CA ASP A 173 -3.07 25.13 17.76
C ASP A 173 -2.66 24.75 19.19
N LYS A 174 -3.61 24.42 20.07
CA LYS A 174 -3.26 24.11 21.48
C LYS A 174 -2.23 22.96 21.49
N GLU A 175 -2.53 21.88 20.75
CA GLU A 175 -1.64 20.69 20.68
C GLU A 175 -0.32 21.09 20.02
N ARG A 176 -0.41 21.84 18.91
CA ARG A 176 0.78 22.30 18.15
C ARG A 176 1.75 22.93 19.15
N ASN A 177 1.27 23.83 20.01
CA ASN A 177 2.12 24.54 21.01
C ASN A 177 2.58 23.59 22.12
N LEU A 178 1.76 22.59 22.47
CA LEU A 178 2.18 21.50 23.39
C LEU A 178 3.39 20.73 22.83
N HIS A 179 3.38 20.35 21.55
CA HIS A 179 4.53 19.63 20.89
C HIS A 179 5.80 20.51 20.88
N LEU A 180 5.71 21.81 20.53
CA LEU A 180 6.87 22.75 20.56
C LEU A 180 7.46 22.78 21.98
N GLU A 181 6.62 22.50 22.98
CA GLU A 181 7.00 22.44 24.42
C GLU A 181 7.47 21.02 24.79
N GLY A 182 7.39 20.05 23.86
CA GLY A 182 7.89 18.67 24.06
C GLY A 182 6.96 17.81 24.89
N LYS A 183 5.64 18.05 24.81
CA LYS A 183 4.56 17.37 25.59
C LYS A 183 3.36 17.11 24.66
N CYS A 184 2.46 16.19 25.03
CA CYS A 184 1.32 15.70 24.18
C CYS A 184 0.09 15.48 25.07
N GLU A 185 -1.12 15.76 24.55
CA GLU A 185 -2.40 15.63 25.32
C GLU A 185 -3.45 14.81 24.56
N THR A 186 -3.57 14.96 23.24
CA THR A 186 -4.71 14.37 22.49
C THR A 186 -4.27 13.42 21.38
N CYS A 187 -2.96 13.19 21.17
CA CYS A 187 -2.46 12.27 20.09
C CYS A 187 -2.48 10.81 20.58
N VAL A 188 -3.67 10.19 20.49
CA VAL A 188 -4.00 8.84 21.01
C VAL A 188 -4.51 7.94 19.88
N TYR A 189 -3.99 6.72 19.79
CA TYR A 189 -4.41 5.74 18.76
C TYR A 189 -5.68 5.01 19.21
N ASN A 190 -6.51 4.62 18.24
CA ASN A 190 -7.71 3.76 18.39
C ASN A 190 -7.55 2.52 17.49
N MET A 191 -7.49 1.30 18.05
CA MET A 191 -7.21 0.04 17.30
C MET A 191 -8.52 -0.48 16.70
N MET A 192 -8.45 -1.23 15.58
CA MET A 192 -9.60 -1.82 14.83
C MET A 192 -9.12 -2.73 13.69
N ALA A 210 -4.35 -4.44 10.43
CA ALA A 210 -4.37 -3.54 11.61
C ALA A 210 -4.40 -2.08 11.15
N ILE A 211 -5.32 -1.29 11.71
CA ILE A 211 -5.47 0.17 11.39
C ILE A 211 -5.57 0.95 12.71
N TRP A 212 -4.73 1.97 12.86
CA TRP A 212 -4.66 2.84 14.05
C TRP A 212 -5.23 4.20 13.66
N TYR A 213 -6.55 4.38 13.74
CA TYR A 213 -7.24 5.68 13.59
C TYR A 213 -6.83 6.63 14.74
N MET A 214 -6.69 7.91 14.43
CA MET A 214 -6.42 9.02 15.40
C MET A 214 -7.41 10.16 15.16
N TRP A 215 -7.46 11.15 16.05
CA TRP A 215 -8.28 12.38 15.86
C TRP A 215 -7.60 13.28 14.81
N LEU A 216 -8.40 13.93 13.96
CA LEU A 216 -7.95 14.65 12.75
C LEU A 216 -6.80 15.61 13.11
N GLY A 217 -6.87 16.25 14.28
CA GLY A 217 -5.85 17.19 14.79
C GLY A 217 -4.47 16.56 14.88
N ALA A 218 -4.40 15.31 15.38
CA ALA A 218 -3.14 14.53 15.47
C ALA A 218 -2.71 14.10 14.07
N ARG A 219 -3.66 13.77 13.19
CA ARG A 219 -3.42 13.38 11.78
C ARG A 219 -2.86 14.57 11.00
N PHE A 220 -3.42 15.77 11.22
CA PHE A 220 -2.91 17.02 10.60
C PHE A 220 -1.48 17.26 11.07
N LEU A 221 -1.25 17.20 12.38
CA LEU A 221 0.09 17.45 12.97
C LEU A 221 1.10 16.41 12.43
N GLU A 222 0.68 15.15 12.27
CA GLU A 222 1.52 14.13 11.59
C GLU A 222 1.79 14.61 10.14
N PHE A 223 0.77 15.05 9.39
CA PHE A 223 0.87 15.45 7.96
C PHE A 223 1.72 16.70 7.81
N GLU A 224 1.60 17.62 8.76
CA GLU A 224 2.35 18.90 8.72
C GLU A 224 3.86 18.59 8.82
N ALA A 225 4.23 17.61 9.64
CA ALA A 225 5.64 17.36 9.97
C ALA A 225 6.28 16.36 9.00
N LEU A 226 5.53 15.39 8.47
CA LEU A 226 6.11 14.21 7.76
C LEU A 226 5.42 13.95 6.42
N GLY A 227 4.39 14.72 6.06
CA GLY A 227 3.68 14.62 4.77
C GLY A 227 4.59 14.83 3.57
N PHE A 228 5.62 15.61 3.75
CA PHE A 228 6.59 15.90 2.65
C PHE A 228 7.15 14.60 2.02
N LEU A 229 7.38 13.55 2.80
CA LEU A 229 7.90 12.25 2.30
C LEU A 229 7.04 11.73 1.14
N ASN A 230 5.73 11.82 1.27
CA ASN A 230 4.79 11.40 0.20
C ASN A 230 4.48 12.55 -0.76
N GLU A 231 4.20 13.74 -0.23
CA GLU A 231 3.77 14.90 -1.06
C GLU A 231 4.87 15.25 -2.06
N ASP A 232 6.15 15.08 -1.68
CA ASP A 232 7.29 15.48 -2.53
C ASP A 232 8.03 14.23 -3.05
N HIS A 233 7.42 13.04 -2.97
CA HIS A 233 7.83 11.85 -3.73
C HIS A 233 9.25 11.41 -3.34
N TRP A 234 9.56 11.32 -2.07
CA TRP A 234 10.92 10.91 -1.62
C TRP A 234 11.24 9.46 -2.07
N PHE A 235 10.21 8.60 -2.15
CA PHE A 235 10.35 7.15 -2.44
C PHE A 235 9.97 6.84 -3.90
N SER A 236 9.96 7.87 -4.75
CA SER A 236 9.92 7.76 -6.23
C SER A 236 11.09 6.89 -6.69
N ARG A 237 10.99 6.21 -7.84
CA ARG A 237 12.14 5.44 -8.36
C ARG A 237 13.32 6.38 -8.72
N GLU A 238 13.05 7.53 -9.34
CA GLU A 238 14.13 8.49 -9.73
C GLU A 238 14.92 8.90 -8.49
N ASN A 239 14.25 9.34 -7.42
CA ASN A 239 14.93 9.77 -6.18
C ASN A 239 15.61 8.57 -5.51
N SER A 240 14.85 7.54 -5.12
CA SER A 240 15.30 6.51 -4.12
C SER A 240 15.98 5.28 -4.76
N LEU A 241 15.88 5.09 -6.07
CA LEU A 241 16.41 4.00 -6.92
C LEU A 241 15.74 2.62 -6.68
N SER A 242 15.41 2.29 -5.42
CA SER A 242 14.72 1.04 -5.01
C SER A 242 13.20 1.23 -5.03
N GLY A 243 12.73 2.45 -4.75
CA GLY A 243 11.29 2.73 -4.55
C GLY A 243 10.51 2.70 -5.85
N VAL A 244 9.19 2.62 -5.70
CA VAL A 244 8.20 2.62 -6.80
C VAL A 244 7.02 3.55 -6.43
N GLU A 245 7.21 4.48 -5.50
CA GLU A 245 6.08 5.39 -5.11
C GLU A 245 5.65 6.22 -6.33
N GLY A 246 4.37 6.21 -6.62
CA GLY A 246 3.82 6.95 -7.79
C GLY A 246 3.91 6.24 -9.12
N GLU A 247 4.50 5.04 -9.16
CA GLU A 247 4.79 4.36 -10.43
C GLU A 247 3.47 4.01 -11.12
N GLY A 248 2.67 3.15 -10.50
CA GLY A 248 1.46 2.62 -11.18
C GLY A 248 1.67 1.19 -11.68
N LEU A 249 0.61 0.39 -11.63
N LEU A 249 0.60 0.39 -11.62
CA LEU A 249 0.67 -1.08 -11.84
CA LEU A 249 0.66 -1.07 -11.85
C LEU A 249 1.17 -1.39 -13.25
C LEU A 249 1.22 -1.36 -13.24
N HIS A 250 0.87 -0.51 -14.22
CA HIS A 250 1.31 -0.60 -15.64
C HIS A 250 2.84 -0.48 -15.75
N LYS A 251 3.50 0.09 -14.74
CA LYS A 251 4.97 0.36 -14.74
C LYS A 251 5.73 -0.79 -14.07
N LEU A 252 5.15 -1.41 -13.04
CA LEU A 252 5.86 -2.31 -12.10
C LEU A 252 6.49 -3.48 -12.86
N GLY A 253 5.80 -4.04 -13.86
CA GLY A 253 6.33 -5.15 -14.66
C GLY A 253 7.57 -4.73 -15.45
N TYR A 254 7.53 -3.53 -16.04
CA TYR A 254 8.69 -2.99 -16.78
C TYR A 254 9.88 -2.78 -15.81
N ILE A 255 9.59 -2.31 -14.62
CA ILE A 255 10.62 -2.13 -13.58
C ILE A 255 11.24 -3.49 -13.19
N LEU A 256 10.44 -4.53 -12.94
CA LEU A 256 11.01 -5.85 -12.60
C LEU A 256 11.85 -6.41 -13.76
N ARG A 257 11.43 -6.21 -15.02
CA ARG A 257 12.21 -6.70 -16.20
C ARG A 257 13.54 -5.93 -16.27
N ASP A 258 13.56 -4.65 -15.90
CA ASP A 258 14.84 -3.86 -15.92
C ASP A 258 15.79 -4.40 -14.83
N VAL A 259 15.30 -4.72 -13.66
CA VAL A 259 16.10 -5.39 -12.59
C VAL A 259 16.61 -6.74 -13.13
N SER A 260 15.82 -7.51 -13.88
CA SER A 260 16.21 -8.85 -14.37
C SER A 260 17.42 -8.72 -15.30
N LYS A 261 17.64 -7.56 -15.90
CA LYS A 261 18.68 -7.31 -16.94
C LYS A 261 20.06 -7.20 -16.29
N LYS A 262 20.11 -6.91 -15.00
CA LYS A 262 21.38 -6.83 -14.24
C LYS A 262 22.02 -8.23 -14.20
N GLU A 263 23.35 -8.28 -14.30
CA GLU A 263 24.09 -9.52 -13.96
C GLU A 263 23.86 -9.79 -12.47
N GLY A 264 23.60 -11.04 -12.12
CA GLY A 264 23.63 -11.45 -10.72
C GLY A 264 22.91 -12.75 -10.54
N GLY A 265 22.44 -13.01 -9.33
CA GLY A 265 21.83 -14.31 -9.01
C GLY A 265 20.34 -14.33 -9.28
N ALA A 266 19.64 -15.24 -8.61
CA ALA A 266 18.16 -15.36 -8.65
C ALA A 266 17.52 -14.03 -8.26
N MET A 267 16.20 -13.88 -8.52
CA MET A 267 15.39 -12.79 -7.94
C MET A 267 14.75 -13.30 -6.64
N TYR A 268 14.99 -12.64 -5.53
CA TYR A 268 14.46 -13.03 -4.22
C TYR A 268 13.29 -12.12 -3.90
N ALA A 269 12.26 -12.71 -3.33
CA ALA A 269 11.05 -11.96 -2.97
C ALA A 269 10.53 -12.52 -1.67
N ASP A 270 11.26 -12.34 -0.58
CA ASP A 270 10.88 -12.97 0.71
C ASP A 270 9.89 -12.02 1.39
N ASP A 271 8.77 -12.53 1.83
CA ASP A 271 7.80 -11.74 2.61
C ASP A 271 8.20 -11.83 4.08
N THR A 272 8.05 -10.75 4.83
CA THR A 272 8.23 -10.71 6.29
C THR A 272 6.92 -11.13 6.94
N ALA A 273 6.98 -11.93 7.99
CA ALA A 273 5.82 -12.25 8.85
C ALA A 273 5.52 -11.04 9.76
N GLY A 274 4.39 -10.34 9.52
CA GLY A 274 3.87 -9.24 10.36
C GLY A 274 4.84 -8.07 10.43
N TRP A 275 5.22 -7.50 9.28
CA TRP A 275 6.26 -6.45 9.24
C TRP A 275 6.04 -5.37 10.33
N ASP A 276 4.84 -4.84 10.44
CA ASP A 276 4.52 -3.67 11.33
C ASP A 276 4.83 -4.05 12.79
N THR A 277 4.65 -5.32 13.14
CA THR A 277 4.88 -5.84 14.52
C THR A 277 6.37 -6.07 14.82
N ARG A 278 7.22 -6.08 13.79
CA ARG A 278 8.67 -6.39 13.88
C ARG A 278 9.51 -5.10 13.87
N ILE A 279 8.87 -3.93 13.85
CA ILE A 279 9.60 -2.63 13.82
C ILE A 279 10.12 -2.41 15.25
N THR A 280 11.43 -2.37 15.42
CA THR A 280 12.08 -2.26 16.75
C THR A 280 12.16 -0.79 17.16
N LEU A 281 12.50 -0.54 18.42
CA LEU A 281 12.73 0.86 18.85
C LEU A 281 13.98 1.37 18.14
N GLU A 282 14.94 0.49 17.79
CA GLU A 282 16.15 0.88 17.04
C GLU A 282 15.80 1.36 15.63
N ASP A 283 14.82 0.69 15.00
CA ASP A 283 14.27 1.06 13.67
C ASP A 283 13.63 2.47 13.77
N LEU A 284 12.81 2.71 14.80
CA LEU A 284 12.16 4.05 15.01
C LEU A 284 13.17 5.20 15.17
N LYS A 285 14.29 4.91 15.86
CA LYS A 285 15.42 5.85 16.08
C LYS A 285 16.12 6.15 14.75
N ASN A 286 16.36 5.12 13.91
CA ASN A 286 17.01 5.32 12.60
C ASN A 286 16.07 6.11 11.67
N GLU A 287 14.77 5.85 11.72
CA GLU A 287 13.77 6.64 10.93
C GLU A 287 13.81 8.14 11.37
N GLU A 288 13.91 8.39 12.68
N GLU A 288 13.92 8.38 12.68
CA GLU A 288 13.91 9.76 13.29
CA GLU A 288 13.92 9.74 13.30
C GLU A 288 15.05 10.61 12.71
C GLU A 288 15.06 10.60 12.76
N MET A 289 16.15 9.99 12.28
CA MET A 289 17.30 10.73 11.72
C MET A 289 16.91 11.56 10.48
N VAL A 290 15.73 11.38 9.87
CA VAL A 290 15.32 12.37 8.85
C VAL A 290 15.33 13.81 9.45
N THR A 291 15.02 14.00 10.74
CA THR A 291 14.99 15.34 11.44
C THR A 291 16.37 16.03 11.36
N ASN A 292 17.46 15.27 11.20
CA ASN A 292 18.84 15.84 11.09
C ASN A 292 18.96 16.74 9.86
N HIS A 293 18.01 16.65 8.93
CA HIS A 293 18.03 17.34 7.61
C HIS A 293 17.07 18.54 7.64
N MET A 294 16.44 18.77 8.78
CA MET A 294 15.39 19.80 8.92
C MET A 294 15.95 20.99 9.71
N GLU A 295 15.14 22.03 9.87
CA GLU A 295 15.53 23.25 10.64
C GLU A 295 14.27 23.94 11.16
N GLY A 296 14.48 24.93 12.04
CA GLY A 296 13.44 25.85 12.50
C GLY A 296 12.40 25.09 13.31
N GLU A 297 11.15 25.56 13.18
CA GLU A 297 9.88 24.98 13.70
C GLU A 297 9.77 23.53 13.20
N HIS A 298 9.92 23.32 11.89
CA HIS A 298 9.74 22.00 11.24
C HIS A 298 10.54 20.95 12.01
N LYS A 299 11.82 21.19 12.29
CA LYS A 299 12.67 20.24 13.01
C LYS A 299 12.02 19.89 14.34
N LYS A 300 11.47 20.88 15.05
CA LYS A 300 10.91 20.67 16.41
C LYS A 300 9.60 19.93 16.27
N LEU A 301 8.76 20.32 15.33
CA LEU A 301 7.46 19.66 15.12
C LEU A 301 7.66 18.17 14.74
N ALA A 302 8.65 17.85 13.88
CA ALA A 302 8.96 16.47 13.41
C ALA A 302 9.51 15.65 14.57
N GLU A 303 10.44 16.22 15.33
CA GLU A 303 11.06 15.58 16.53
C GLU A 303 9.98 15.17 17.55
N ALA A 304 8.91 15.94 17.67
CA ALA A 304 7.77 15.69 18.59
C ALA A 304 6.91 14.55 18.05
N ILE A 305 6.58 14.54 16.76
CA ILE A 305 5.84 13.38 16.19
C ILE A 305 6.63 12.12 16.57
N PHE A 306 7.91 12.02 16.23
CA PHE A 306 8.72 10.78 16.43
C PHE A 306 8.79 10.43 17.92
N LYS A 307 9.14 11.39 18.79
CA LYS A 307 9.33 11.18 20.26
C LYS A 307 8.00 10.84 20.95
N LEU A 308 6.94 11.61 20.70
CA LEU A 308 5.73 11.58 21.56
C LEU A 308 4.70 10.60 21.04
N THR A 309 4.61 10.36 19.73
CA THR A 309 3.51 9.58 19.12
C THR A 309 4.03 8.28 18.49
N TYR A 310 5.28 8.17 18.09
CA TYR A 310 5.79 6.96 17.39
C TYR A 310 6.58 6.11 18.38
N GLN A 311 7.52 6.72 19.12
CA GLN A 311 8.41 6.03 20.06
C GLN A 311 7.77 5.86 21.46
N ASN A 312 6.59 6.45 21.72
CA ASN A 312 5.87 6.35 23.02
C ASN A 312 4.35 6.50 22.80
N LYS A 313 3.63 5.41 22.52
CA LYS A 313 2.22 5.41 21.99
C LYS A 313 1.18 5.29 23.12
N VAL A 314 -0.10 5.53 22.80
CA VAL A 314 -1.24 5.36 23.72
C VAL A 314 -2.39 4.92 22.84
N VAL A 315 -3.07 3.85 23.20
CA VAL A 315 -4.02 3.17 22.27
C VAL A 315 -5.30 2.80 23.02
N ARG A 316 -6.44 2.83 22.35
CA ARG A 316 -7.73 2.44 22.94
C ARG A 316 -8.31 1.29 22.11
N VAL A 317 -8.51 0.12 22.75
CA VAL A 317 -8.94 -1.15 22.10
C VAL A 317 -10.24 -1.62 22.77
N GLN A 318 -11.22 -2.04 21.98
CA GLN A 318 -12.52 -2.59 22.47
C GLN A 318 -12.38 -4.08 22.76
N ARG A 319 -12.66 -4.48 24.01
CA ARG A 319 -12.66 -5.89 24.49
C ARG A 319 -14.09 -6.27 24.87
N PRO A 320 -14.71 -7.27 24.19
CA PRO A 320 -16.10 -7.66 24.50
C PRO A 320 -16.52 -8.00 25.95
N THR A 321 -15.59 -8.52 26.77
CA THR A 321 -15.80 -8.94 28.18
C THR A 321 -16.56 -7.83 28.96
N THR A 325 -18.93 -4.98 26.78
CA THR A 325 -17.90 -4.19 26.03
C THR A 325 -17.27 -3.16 26.97
N VAL A 326 -15.94 -3.06 26.94
CA VAL A 326 -15.12 -2.05 27.68
C VAL A 326 -14.05 -1.51 26.73
N MET A 327 -13.35 -0.44 27.13
CA MET A 327 -12.24 0.17 26.33
C MET A 327 -10.97 0.12 27.18
N ASP A 328 -9.92 -0.52 26.67
CA ASP A 328 -8.60 -0.66 27.33
C ASP A 328 -7.66 0.42 26.81
N ILE A 329 -6.86 0.99 27.73
CA ILE A 329 -5.93 2.12 27.48
C ILE A 329 -4.54 1.58 27.75
N ILE A 330 -3.91 1.15 26.65
CA ILE A 330 -2.63 0.42 26.67
C ILE A 330 -1.58 1.29 25.98
N SER A 331 -0.33 1.09 26.35
CA SER A 331 0.82 1.83 25.81
C SER A 331 1.93 0.85 25.44
N ARG A 332 2.72 1.20 24.42
CA ARG A 332 3.95 0.47 24.01
C ARG A 332 4.84 1.44 23.21
N ARG A 333 6.15 1.22 23.23
CA ARG A 333 7.08 2.17 22.56
C ARG A 333 7.46 1.68 21.17
N ASP A 334 7.53 0.36 20.97
CA ASP A 334 8.01 -0.19 19.65
C ASP A 334 6.83 -0.52 18.75
N GLN A 335 7.11 -1.15 17.60
CA GLN A 335 6.06 -1.53 16.61
C GLN A 335 5.65 -0.29 15.80
N ARG A 336 5.06 -0.50 14.63
CA ARG A 336 4.61 0.60 13.77
C ARG A 336 3.16 0.97 14.07
N GLY A 337 2.90 2.26 14.30
CA GLY A 337 1.54 2.76 14.55
C GLY A 337 1.47 4.21 14.11
N SER A 338 1.25 4.44 12.82
CA SER A 338 1.23 5.82 12.26
C SER A 338 0.11 5.93 11.24
N GLY A 339 -0.02 7.07 10.54
CA GLY A 339 -0.92 7.17 9.39
C GLY A 339 -0.41 6.20 8.34
N GLN A 340 -1.33 5.63 7.55
CA GLN A 340 -1.03 4.62 6.50
C GLN A 340 -0.02 5.20 5.49
N VAL A 341 -0.12 6.50 5.19
CA VAL A 341 0.78 7.15 4.17
C VAL A 341 2.20 7.33 4.76
N VAL A 342 2.33 7.89 5.97
CA VAL A 342 3.67 7.89 6.63
C VAL A 342 4.16 6.46 6.86
N THR A 343 3.32 5.56 7.35
CA THR A 343 3.69 4.13 7.47
C THR A 343 4.30 3.62 6.17
N TYR A 344 3.72 3.94 5.01
CA TYR A 344 4.20 3.41 3.74
C TYR A 344 5.64 3.88 3.51
N GLY A 345 5.93 5.17 3.76
CA GLY A 345 7.24 5.73 3.40
C GLY A 345 8.34 5.25 4.37
N LEU A 346 8.02 5.13 5.65
CA LEU A 346 9.02 4.66 6.63
C LEU A 346 9.23 3.12 6.50
N ASN A 347 8.19 2.35 6.21
CA ASN A 347 8.34 0.92 5.85
C ASN A 347 9.26 0.81 4.63
N THR A 348 9.07 1.62 3.58
CA THR A 348 9.96 1.57 2.41
C THR A 348 11.40 1.86 2.85
N PHE A 349 11.62 2.91 3.62
CA PHE A 349 12.96 3.33 4.08
C PHE A 349 13.65 2.18 4.82
N THR A 350 12.98 1.62 5.82
CA THR A 350 13.55 0.63 6.74
C THR A 350 13.74 -0.70 5.96
N ASN A 351 12.89 -0.98 4.96
CA ASN A 351 13.03 -2.19 4.11
C ASN A 351 14.24 -1.99 3.20
N MET A 352 14.45 -0.77 2.66
CA MET A 352 15.60 -0.53 1.79
C MET A 352 16.88 -0.77 2.63
N GLU A 353 16.87 -0.30 3.86
CA GLU A 353 18.05 -0.39 4.78
C GLU A 353 18.34 -1.88 5.05
N ALA A 354 17.34 -2.62 5.50
CA ALA A 354 17.44 -4.06 5.80
C ALA A 354 17.94 -4.84 4.59
N GLN A 355 17.40 -4.57 3.40
CA GLN A 355 17.85 -5.31 2.21
C GLN A 355 19.27 -4.91 1.80
N LEU A 356 19.73 -3.66 1.97
CA LEU A 356 21.15 -3.30 1.65
C LEU A 356 22.10 -4.09 2.61
N ILE A 357 21.73 -4.19 3.86
CA ILE A 357 22.51 -4.92 4.90
C ILE A 357 22.52 -6.41 4.52
N ARG A 358 21.37 -7.01 4.15
CA ARG A 358 21.36 -8.41 3.71
C ARG A 358 22.28 -8.55 2.50
N GLN A 359 22.25 -7.62 1.54
CA GLN A 359 23.22 -7.63 0.43
C GLN A 359 24.66 -7.52 1.01
N MET A 360 24.96 -6.64 1.95
CA MET A 360 26.35 -6.54 2.48
C MET A 360 26.77 -7.91 3.08
N GLU A 361 25.88 -8.55 3.83
CA GLU A 361 26.18 -9.86 4.43
C GLU A 361 26.54 -10.87 3.35
N GLY A 362 25.83 -10.92 2.22
CA GLY A 362 26.10 -11.94 1.19
C GLY A 362 27.44 -11.66 0.51
N GLU A 363 27.81 -10.39 0.37
CA GLU A 363 29.07 -10.01 -0.31
C GLU A 363 30.25 -10.09 0.66
N GLY A 364 30.04 -10.46 1.92
CA GLY A 364 31.14 -10.64 2.89
C GLY A 364 31.72 -9.31 3.37
N VAL A 365 30.92 -8.23 3.47
CA VAL A 365 31.45 -6.87 3.76
C VAL A 365 31.81 -6.84 5.25
N PHE A 366 31.09 -7.63 6.04
CA PHE A 366 31.27 -7.79 7.50
C PHE A 366 31.20 -9.28 7.83
N LYS A 367 31.83 -9.72 8.92
CA LYS A 367 32.01 -11.17 9.20
C LYS A 367 30.96 -11.63 10.20
N SER A 368 30.58 -10.78 11.14
CA SER A 368 29.69 -11.15 12.27
C SER A 368 28.88 -9.95 12.78
N ILE A 369 27.65 -10.23 13.18
CA ILE A 369 26.70 -9.21 13.71
C ILE A 369 27.00 -8.93 15.18
N GLN A 370 27.88 -9.74 15.79
CA GLN A 370 28.14 -9.66 17.25
C GLN A 370 28.73 -8.28 17.51
N HIS A 371 29.60 -7.82 16.62
CA HIS A 371 30.40 -6.60 16.80
C HIS A 371 31.10 -6.29 15.48
N LEU A 372 31.00 -5.03 15.06
CA LEU A 372 31.76 -4.44 13.94
C LEU A 372 33.06 -3.90 14.52
N THR A 373 34.17 -4.23 13.87
CA THR A 373 35.51 -3.70 14.22
C THR A 373 35.58 -2.33 13.58
N VAL A 374 36.66 -1.59 13.86
CA VAL A 374 36.83 -0.18 13.39
C VAL A 374 36.94 -0.23 11.86
N THR A 375 37.68 -1.20 11.33
CA THR A 375 38.01 -1.29 9.89
C THR A 375 36.81 -1.84 9.12
N GLU A 376 35.91 -2.59 9.78
CA GLU A 376 34.65 -3.09 9.15
C GLU A 376 33.73 -1.90 8.97
N GLU A 377 33.62 -1.01 9.97
CA GLU A 377 32.85 0.25 9.87
C GLU A 377 33.27 1.00 8.61
N ILE A 378 34.56 1.15 8.38
CA ILE A 378 35.07 1.94 7.21
C ILE A 378 34.78 1.15 5.92
N ALA A 379 34.87 -0.17 5.97
CA ALA A 379 34.56 -1.04 4.80
C ALA A 379 33.07 -0.88 4.41
N VAL A 380 32.18 -0.89 5.40
CA VAL A 380 30.71 -0.72 5.23
C VAL A 380 30.47 0.67 4.63
N LYS A 381 31.05 1.72 5.19
CA LYS A 381 30.82 3.08 4.67
C LYS A 381 31.36 3.16 3.23
N ASN A 382 32.51 2.54 2.97
CA ASN A 382 33.16 2.58 1.64
C ASN A 382 32.33 1.79 0.62
N TRP A 383 31.79 0.63 1.03
CA TRP A 383 30.86 -0.15 0.17
C TRP A 383 29.70 0.79 -0.26
N LEU A 384 29.08 1.44 0.72
CA LEU A 384 27.90 2.33 0.47
C LEU A 384 28.28 3.45 -0.52
N VAL A 385 29.38 4.17 -0.29
CA VAL A 385 29.84 5.28 -1.17
C VAL A 385 30.19 4.70 -2.53
N ARG A 386 30.88 3.57 -2.58
CA ARG A 386 31.35 3.01 -3.87
C ARG A 386 30.19 2.37 -4.67
N VAL A 387 29.36 1.51 -4.03
CA VAL A 387 28.40 0.70 -4.85
C VAL A 387 26.94 0.84 -4.37
N GLY A 388 26.68 1.57 -3.27
CA GLY A 388 25.36 1.74 -2.63
C GLY A 388 24.25 2.03 -3.64
N ARG A 389 24.47 2.98 -4.53
CA ARG A 389 23.42 3.39 -5.49
C ARG A 389 23.19 2.25 -6.49
N GLU A 390 24.26 1.54 -6.89
CA GLU A 390 24.08 0.37 -7.83
C GLU A 390 23.22 -0.70 -7.13
N ARG A 391 23.45 -0.91 -5.84
CA ARG A 391 22.83 -2.00 -5.06
C ARG A 391 21.36 -1.63 -4.83
N LEU A 392 21.03 -0.33 -4.72
CA LEU A 392 19.62 0.15 -4.54
C LEU A 392 18.84 -0.13 -5.83
N SER A 393 19.50 0.03 -6.97
CA SER A 393 18.88 -0.18 -8.29
C SER A 393 18.61 -1.67 -8.58
N ARG A 394 19.16 -2.58 -7.77
CA ARG A 394 18.95 -4.04 -7.90
C ARG A 394 17.68 -4.44 -7.14
N MET A 395 16.92 -3.47 -6.63
CA MET A 395 15.73 -3.73 -5.80
C MET A 395 14.48 -2.97 -6.30
N ALA A 396 13.31 -3.55 -6.01
CA ALA A 396 12.01 -2.91 -6.13
C ALA A 396 11.33 -3.10 -4.79
N ILE A 397 11.12 -1.97 -4.11
CA ILE A 397 10.60 -1.96 -2.74
C ILE A 397 9.36 -1.07 -2.62
N SER A 398 8.29 -1.65 -2.10
CA SER A 398 6.97 -1.02 -1.90
C SER A 398 6.57 -1.30 -0.46
N GLY A 399 6.92 -0.40 0.46
CA GLY A 399 6.71 -0.69 1.88
C GLY A 399 7.37 -1.99 2.30
N ASP A 400 6.62 -2.89 2.94
CA ASP A 400 7.19 -4.18 3.43
C ASP A 400 7.40 -5.18 2.30
N ASP A 401 7.07 -4.82 1.06
CA ASP A 401 7.18 -5.76 -0.08
C ASP A 401 8.45 -5.52 -0.88
N CYS A 402 9.27 -6.54 -1.15
CA CYS A 402 10.53 -6.34 -1.90
C CYS A 402 10.78 -7.43 -2.92
N VAL A 403 11.56 -7.05 -3.91
CA VAL A 403 12.25 -7.93 -4.89
C VAL A 403 13.70 -7.44 -4.95
N VAL A 404 14.63 -8.37 -4.86
CA VAL A 404 16.08 -8.10 -4.86
C VAL A 404 16.75 -9.05 -5.83
N LYS A 405 17.55 -8.50 -6.74
CA LYS A 405 18.48 -9.27 -7.62
C LYS A 405 19.91 -8.99 -7.16
N PRO A 406 20.40 -9.78 -6.19
CA PRO A 406 21.74 -9.57 -5.63
C PRO A 406 22.84 -9.93 -6.63
N LEU A 407 24.06 -9.57 -6.27
CA LEU A 407 25.27 -9.82 -7.09
C LEU A 407 25.40 -11.34 -7.36
N ASP A 408 24.99 -12.20 -6.42
CA ASP A 408 25.12 -13.68 -6.59
C ASP A 408 24.21 -14.36 -5.57
N ASP A 409 24.12 -15.68 -5.58
CA ASP A 409 23.20 -16.44 -4.69
C ASP A 409 23.75 -16.62 -3.28
N ARG A 410 24.89 -16.03 -2.91
CA ARG A 410 25.30 -16.04 -1.47
C ARG A 410 24.21 -15.38 -0.59
N PHE A 411 23.50 -14.37 -1.13
CA PHE A 411 22.34 -13.67 -0.51
C PHE A 411 21.34 -14.65 0.10
N ALA A 412 21.04 -15.77 -0.60
CA ALA A 412 20.04 -16.79 -0.20
C ALA A 412 20.26 -17.27 1.24
N SER A 413 21.51 -17.44 1.68
CA SER A 413 21.81 -17.99 3.03
C SER A 413 22.42 -16.92 3.93
N ALA A 414 22.41 -15.65 3.52
CA ALA A 414 22.89 -14.54 4.37
C ALA A 414 21.73 -14.09 5.26
N LEU A 415 21.54 -14.73 6.42
CA LEU A 415 20.31 -14.63 7.25
C LEU A 415 20.60 -14.04 8.64
N THR A 416 21.84 -13.86 9.06
CA THR A 416 22.08 -13.50 10.50
C THR A 416 21.58 -12.08 10.77
N ALA A 417 21.93 -11.09 9.95
CA ALA A 417 21.50 -9.69 10.17
C ALA A 417 19.98 -9.61 10.02
N LEU A 418 19.40 -10.28 9.00
CA LEU A 418 17.96 -10.18 8.70
C LEU A 418 17.19 -10.69 9.91
N ASN A 419 17.60 -11.86 10.47
CA ASN A 419 16.90 -12.47 11.63
C ASN A 419 17.18 -11.59 12.85
N ASP A 420 18.39 -11.12 13.03
CA ASP A 420 18.71 -10.31 14.25
C ASP A 420 18.00 -8.92 14.22
N MET A 421 17.70 -8.35 13.04
CA MET A 421 16.96 -7.07 12.92
C MET A 421 15.50 -7.31 13.27
N GLY A 422 15.08 -8.57 13.42
CA GLY A 422 13.67 -8.98 13.65
C GLY A 422 12.86 -9.18 12.38
N LYS A 423 13.42 -9.00 11.20
CA LYS A 423 12.66 -9.18 9.91
C LYS A 423 12.66 -10.65 9.47
N VAL A 424 11.99 -11.48 10.27
CA VAL A 424 11.89 -12.96 10.10
C VAL A 424 10.98 -13.26 8.92
N ARG A 425 11.44 -14.14 8.01
CA ARG A 425 10.73 -14.50 6.76
C ARG A 425 9.48 -15.32 7.11
N LYS A 426 8.42 -15.14 6.32
CA LYS A 426 7.13 -15.86 6.39
C LYS A 426 7.30 -17.28 5.77
N ASP A 427 6.74 -18.32 6.37
CA ASP A 427 6.51 -19.64 5.68
C ASP A 427 7.83 -20.28 5.20
N ILE A 428 8.85 -20.25 6.07
CA ILE A 428 10.17 -20.92 5.90
C ILE A 428 10.86 -20.93 7.26
N GLN A 429 11.67 -21.95 7.54
CA GLN A 429 12.34 -22.09 8.86
C GLN A 429 13.46 -21.05 8.89
N GLN A 430 13.69 -20.55 10.08
CA GLN A 430 14.53 -19.37 10.34
C GLN A 430 15.85 -19.46 9.58
N TRP A 431 16.42 -20.66 9.48
CA TRP A 431 17.81 -20.77 8.98
C TRP A 431 17.90 -21.46 7.61
N GLU A 432 16.75 -21.82 7.03
CA GLU A 432 16.67 -22.48 5.70
C GLU A 432 16.89 -21.40 4.63
N PRO A 433 17.80 -21.61 3.66
CA PRO A 433 18.11 -20.57 2.68
C PRO A 433 16.86 -20.22 1.85
N SER A 434 16.76 -18.94 1.46
CA SER A 434 15.67 -18.42 0.60
C SER A 434 15.66 -19.16 -0.73
N ARG A 435 14.47 -19.44 -1.28
CA ARG A 435 14.31 -19.92 -2.68
C ARG A 435 14.10 -18.73 -3.61
N GLY A 436 14.95 -18.58 -4.64
CA GLY A 436 14.88 -17.46 -5.58
C GLY A 436 14.03 -17.83 -6.79
N TRP A 437 13.71 -16.85 -7.62
CA TRP A 437 12.99 -17.04 -8.89
C TRP A 437 13.99 -16.87 -10.02
N ASN A 438 13.98 -17.78 -10.97
CA ASN A 438 14.86 -17.69 -12.15
C ASN A 438 14.22 -16.89 -13.26
N ASP A 439 12.94 -16.51 -13.19
CA ASP A 439 12.33 -15.78 -14.33
C ASP A 439 11.49 -14.65 -13.75
N TRP A 440 11.78 -13.41 -14.17
CA TRP A 440 11.08 -12.20 -13.67
C TRP A 440 9.56 -12.31 -13.86
N THR A 441 9.11 -13.10 -14.82
CA THR A 441 7.65 -13.28 -15.10
C THR A 441 6.94 -14.14 -14.05
N GLN A 442 7.71 -14.77 -13.15
CA GLN A 442 7.16 -15.65 -12.08
C GLN A 442 7.29 -14.97 -10.71
N VAL A 443 7.95 -13.82 -10.63
CA VAL A 443 8.22 -13.14 -9.31
C VAL A 443 6.94 -12.52 -8.79
N PRO A 444 6.53 -12.75 -7.54
CA PRO A 444 5.40 -12.01 -6.98
C PRO A 444 5.82 -10.59 -6.55
N PHE A 445 5.00 -9.58 -6.79
CA PHE A 445 5.25 -8.20 -6.26
C PHE A 445 3.94 -7.45 -6.21
N CYS A 446 3.61 -6.83 -5.08
CA CYS A 446 2.37 -5.99 -4.90
C CYS A 446 1.12 -6.79 -5.35
N SER A 447 1.06 -8.06 -4.95
CA SER A 447 -0.05 -9.02 -5.13
C SER A 447 -0.20 -9.41 -6.61
N HIS A 448 0.76 -9.13 -7.47
CA HIS A 448 0.67 -9.45 -8.92
C HIS A 448 1.86 -10.31 -9.37
N HIS A 449 1.72 -10.87 -10.57
CA HIS A 449 2.88 -11.27 -11.42
C HIS A 449 2.68 -10.55 -12.75
N PHE A 450 3.65 -10.68 -13.63
CA PHE A 450 3.71 -9.87 -14.85
C PHE A 450 4.00 -10.76 -16.06
N HIS A 451 3.26 -10.52 -17.15
CA HIS A 451 3.44 -11.24 -18.42
C HIS A 451 4.09 -10.33 -19.46
N GLU A 452 4.86 -10.92 -20.38
CA GLU A 452 5.39 -10.26 -21.59
C GLU A 452 4.45 -10.60 -22.77
N LEU A 453 3.81 -9.61 -23.37
CA LEU A 453 2.68 -9.86 -24.31
C LEU A 453 3.01 -9.14 -25.61
N ILE A 454 3.11 -9.89 -26.69
CA ILE A 454 3.62 -9.30 -27.96
C ILE A 454 2.42 -8.93 -28.84
N MET A 455 2.35 -7.67 -29.21
CA MET A 455 1.23 -7.16 -30.05
C MET A 455 1.41 -7.68 -31.47
N LYS A 456 0.30 -7.83 -32.18
N LYS A 456 0.29 -7.83 -32.19
CA LYS A 456 0.27 -8.29 -33.60
CA LYS A 456 0.29 -8.29 -33.60
C LYS A 456 1.27 -7.47 -34.41
C LYS A 456 1.32 -7.49 -34.39
N ASP A 457 1.49 -6.20 -34.06
CA ASP A 457 2.46 -5.34 -34.79
C ASP A 457 3.90 -5.46 -34.23
N GLY A 458 4.20 -6.43 -33.36
CA GLY A 458 5.57 -6.65 -32.86
C GLY A 458 5.93 -5.88 -31.59
N ARG A 459 5.18 -4.85 -31.18
CA ARG A 459 5.60 -4.03 -30.02
C ARG A 459 5.36 -4.87 -28.73
N VAL A 460 6.10 -4.58 -27.67
CA VAL A 460 6.08 -5.42 -26.44
C VAL A 460 5.35 -4.72 -25.31
N LEU A 461 4.31 -5.40 -24.77
CA LEU A 461 3.66 -4.92 -23.53
C LEU A 461 4.10 -5.82 -22.37
N VAL A 462 4.40 -5.20 -21.23
CA VAL A 462 4.59 -5.92 -19.93
C VAL A 462 3.38 -5.59 -19.05
N VAL A 463 2.53 -6.59 -18.80
CA VAL A 463 1.19 -6.37 -18.18
C VAL A 463 1.10 -7.02 -16.82
N PRO A 464 0.33 -6.37 -15.91
CA PRO A 464 0.06 -6.92 -14.58
C PRO A 464 -1.04 -7.98 -14.60
N CYS A 465 -0.97 -8.92 -13.66
CA CYS A 465 -1.90 -10.06 -13.65
C CYS A 465 -2.03 -10.64 -12.25
N ARG A 466 -3.19 -11.19 -11.95
CA ARG A 466 -3.30 -12.03 -10.76
C ARG A 466 -4.47 -12.95 -10.98
N ASN A 467 -4.61 -13.91 -10.11
CA ASN A 467 -5.68 -14.91 -10.26
C ASN A 467 -7.03 -14.18 -10.47
N GLN A 468 -7.81 -14.58 -11.47
CA GLN A 468 -8.97 -13.79 -11.92
C GLN A 468 -10.07 -13.89 -10.87
N ASP A 469 -10.10 -14.98 -10.11
CA ASP A 469 -11.12 -15.10 -9.03
C ASP A 469 -10.95 -13.94 -8.04
N GLU A 470 -9.72 -13.55 -7.72
CA GLU A 470 -9.43 -12.46 -6.74
C GLU A 470 -9.95 -11.15 -7.36
N LEU A 471 -9.78 -10.93 -8.66
CA LEU A 471 -10.20 -9.66 -9.27
C LEU A 471 -11.73 -9.54 -9.25
N ILE A 472 -12.40 -10.60 -9.68
CA ILE A 472 -13.88 -10.59 -9.76
C ILE A 472 -14.48 -10.50 -8.37
N GLY A 473 -13.92 -11.25 -7.43
CA GLY A 473 -14.40 -11.25 -6.04
C GLY A 473 -14.31 -9.87 -5.39
N ARG A 474 -13.22 -9.14 -5.66
CA ARG A 474 -12.99 -7.77 -5.10
C ARG A 474 -14.00 -6.78 -5.70
N ALA A 475 -14.23 -6.84 -7.01
CA ALA A 475 -15.13 -5.90 -7.75
C ALA A 475 -16.58 -6.10 -7.28
N ARG A 476 -16.91 -7.28 -6.77
CA ARG A 476 -18.28 -7.58 -6.27
C ARG A 476 -18.54 -7.06 -4.84
N ILE A 477 -17.55 -6.41 -4.22
CA ILE A 477 -17.68 -5.94 -2.82
C ILE A 477 -17.66 -4.41 -2.80
N SER A 478 -18.56 -3.82 -2.03
N SER A 478 -18.57 -3.81 -2.03
CA SER A 478 -18.54 -2.40 -1.59
CA SER A 478 -18.55 -2.37 -1.61
C SER A 478 -18.22 -2.36 -0.08
C SER A 478 -18.48 -2.29 -0.08
N GLN A 479 -17.94 -1.16 0.45
CA GLN A 479 -17.71 -0.93 1.90
C GLN A 479 -18.57 0.26 2.33
N GLY A 480 -19.26 0.13 3.48
CA GLY A 480 -20.07 1.22 4.06
C GLY A 480 -21.53 1.23 3.65
N ALA A 481 -22.28 2.17 4.18
CA ALA A 481 -23.76 2.20 4.15
C ALA A 481 -24.24 3.34 3.24
N GLY A 482 -25.53 3.33 2.95
CA GLY A 482 -26.26 4.46 2.32
C GLY A 482 -25.89 4.57 0.86
N TRP A 483 -25.48 3.46 0.20
CA TRP A 483 -25.18 3.55 -1.25
C TRP A 483 -26.50 3.64 -2.07
N SER A 484 -26.68 4.68 -2.86
CA SER A 484 -27.76 4.70 -3.89
C SER A 484 -27.48 3.69 -4.98
N LEU A 485 -28.46 3.42 -5.89
CA LEU A 485 -28.20 2.59 -7.09
C LEU A 485 -27.17 3.30 -8.01
N ARG A 486 -27.27 4.63 -8.12
CA ARG A 486 -26.34 5.40 -8.98
C ARG A 486 -24.94 5.28 -8.42
N GLU A 487 -24.74 5.49 -7.11
CA GLU A 487 -23.38 5.36 -6.56
C GLU A 487 -22.83 3.92 -6.76
N THR A 488 -23.67 2.89 -6.53
CA THR A 488 -23.25 1.47 -6.73
C THR A 488 -22.80 1.28 -8.19
N ALA A 489 -23.61 1.76 -9.14
CA ALA A 489 -23.28 1.71 -10.58
C ALA A 489 -21.92 2.38 -10.84
N CYS A 490 -21.68 3.57 -10.25
CA CYS A 490 -20.46 4.35 -10.56
C CYS A 490 -19.24 3.60 -9.98
N LEU A 491 -19.37 2.94 -8.82
CA LEU A 491 -18.29 2.03 -8.33
C LEU A 491 -18.05 0.84 -9.28
N GLY A 492 -19.10 0.23 -9.80
CA GLY A 492 -18.90 -0.86 -10.76
C GLY A 492 -18.16 -0.37 -11.96
N LYS A 493 -18.51 0.83 -12.41
CA LYS A 493 -17.82 1.48 -13.56
C LYS A 493 -16.35 1.71 -13.26
N SER A 494 -15.96 2.14 -12.06
CA SER A 494 -14.53 2.28 -11.72
C SER A 494 -13.82 0.93 -11.91
N TYR A 495 -14.35 -0.17 -11.37
CA TYR A 495 -13.70 -1.50 -11.53
C TYR A 495 -13.60 -1.83 -13.00
N ALA A 496 -14.68 -1.58 -13.73
CA ALA A 496 -14.70 -1.95 -15.18
C ALA A 496 -13.61 -1.20 -15.94
N GLN A 497 -13.47 0.08 -15.69
CA GLN A 497 -12.43 0.92 -16.38
C GLN A 497 -11.02 0.47 -15.93
N MET A 498 -10.86 0.13 -14.64
CA MET A 498 -9.57 -0.40 -14.14
C MET A 498 -9.21 -1.65 -14.95
N TRP A 499 -10.16 -2.56 -15.15
CA TRP A 499 -9.98 -3.81 -15.94
C TRP A 499 -9.59 -3.53 -17.42
N SER A 500 -10.28 -2.59 -18.10
N SER A 500 -10.29 -2.59 -18.08
CA SER A 500 -9.97 -2.25 -19.51
CA SER A 500 -10.02 -2.18 -19.49
C SER A 500 -8.55 -1.72 -19.62
C SER A 500 -8.57 -1.72 -19.61
N LEU A 501 -8.03 -1.05 -18.59
CA LEU A 501 -6.68 -0.44 -18.64
C LEU A 501 -5.57 -1.41 -18.22
N MET A 502 -5.77 -2.18 -17.17
CA MET A 502 -4.73 -3.01 -16.54
C MET A 502 -4.86 -4.48 -16.99
N TYR A 503 -6.07 -5.01 -17.18
CA TYR A 503 -6.36 -6.46 -17.32
C TYR A 503 -7.07 -6.77 -18.63
N PHE A 504 -6.88 -5.90 -19.65
CA PHE A 504 -7.50 -6.01 -21.00
C PHE A 504 -7.13 -7.34 -21.67
N HIS A 505 -6.00 -7.92 -21.23
CA HIS A 505 -5.38 -9.17 -21.75
C HIS A 505 -6.07 -10.43 -21.21
N ARG A 506 -7.03 -10.28 -20.30
CA ARG A 506 -7.80 -11.42 -19.73
C ARG A 506 -9.15 -11.42 -20.44
N ARG A 507 -9.47 -12.46 -21.23
CA ARG A 507 -10.68 -12.49 -22.05
C ARG A 507 -11.92 -12.14 -21.22
N ASP A 508 -12.12 -12.77 -20.07
CA ASP A 508 -13.34 -12.60 -19.26
C ASP A 508 -13.47 -11.15 -18.75
N LEU A 509 -12.36 -10.52 -18.38
CA LEU A 509 -12.44 -9.18 -17.77
C LEU A 509 -12.66 -8.14 -18.86
N ARG A 510 -12.14 -8.32 -20.07
CA ARG A 510 -12.39 -7.30 -21.13
C ARG A 510 -13.87 -7.37 -21.47
N LEU A 511 -14.43 -8.57 -21.53
CA LEU A 511 -15.85 -8.78 -21.86
C LEU A 511 -16.69 -8.21 -20.71
N ALA A 512 -16.38 -8.51 -19.47
CA ALA A 512 -17.22 -8.04 -18.34
C ALA A 512 -17.09 -6.50 -18.23
N ALA A 513 -15.92 -5.95 -18.46
CA ALA A 513 -15.69 -4.48 -18.44
C ALA A 513 -16.58 -3.79 -19.50
N ASN A 514 -16.60 -4.34 -20.70
CA ASN A 514 -17.45 -3.82 -21.80
C ASN A 514 -18.92 -3.92 -21.39
N ALA A 515 -19.33 -5.03 -20.78
CA ALA A 515 -20.72 -5.20 -20.35
C ALA A 515 -21.07 -4.13 -19.29
N ILE A 516 -20.28 -3.97 -18.23
CA ILE A 516 -20.57 -3.01 -17.15
C ILE A 516 -20.60 -1.59 -17.76
N CYS A 517 -19.66 -1.20 -18.63
CA CYS A 517 -19.65 0.14 -19.23
C CYS A 517 -20.88 0.29 -20.13
N SER A 518 -21.45 -0.79 -20.66
CA SER A 518 -22.65 -0.66 -21.53
C SER A 518 -23.88 -0.54 -20.64
N ALA A 519 -23.81 -1.01 -19.39
CA ALA A 519 -24.99 -1.14 -18.49
C ALA A 519 -25.14 0.12 -17.65
N VAL A 520 -24.08 0.89 -17.49
CA VAL A 520 -24.06 2.12 -16.66
C VAL A 520 -24.14 3.33 -17.61
N PRO A 521 -24.99 4.35 -17.29
CA PRO A 521 -25.14 5.48 -18.21
C PRO A 521 -23.76 6.04 -18.60
N SER A 522 -23.59 6.31 -19.90
N SER A 522 -23.61 6.35 -19.90
CA SER A 522 -22.31 6.72 -20.52
CA SER A 522 -22.34 6.74 -20.55
C SER A 522 -21.65 7.88 -19.75
C SER A 522 -21.67 7.90 -19.81
N HIS A 523 -22.44 8.87 -19.29
CA HIS A 523 -21.87 10.13 -18.68
C HIS A 523 -21.70 10.06 -17.17
N TRP A 524 -22.19 8.99 -16.52
CA TRP A 524 -22.01 8.88 -15.06
C TRP A 524 -20.53 8.67 -14.75
N VAL A 525 -20.05 9.37 -13.73
CA VAL A 525 -18.63 9.50 -13.40
C VAL A 525 -18.25 8.37 -12.43
N PRO A 526 -17.26 7.52 -12.75
CA PRO A 526 -16.83 6.50 -11.80
C PRO A 526 -16.44 7.10 -10.43
N THR A 527 -16.74 6.39 -9.34
CA THR A 527 -16.44 6.91 -7.97
C THR A 527 -15.79 5.85 -7.10
N SER A 528 -15.11 6.28 -6.03
CA SER A 528 -14.46 5.35 -5.08
C SER A 528 -14.59 5.90 -3.66
N ARG A 529 -15.72 5.63 -3.01
CA ARG A 529 -15.96 6.17 -1.64
C ARG A 529 -14.80 5.76 -0.73
N HIS A 535 1.52 6.55 -4.29
CA HIS A 535 1.95 5.14 -4.38
C HIS A 535 1.57 4.55 -5.76
N ALA A 536 0.32 4.80 -6.19
CA ALA A 536 -0.17 4.23 -7.47
C ALA A 536 -0.89 5.30 -8.29
N THR A 537 -1.23 5.00 -9.55
CA THR A 537 -1.86 6.01 -10.44
C THR A 537 -3.23 5.51 -10.91
N HIS A 538 -4.28 6.31 -10.73
CA HIS A 538 -5.66 5.90 -11.11
C HIS A 538 -6.09 6.56 -12.42
N GLU A 539 -5.62 6.04 -13.56
CA GLU A 539 -5.97 6.60 -14.88
C GLU A 539 -7.40 6.17 -15.27
N TRP A 540 -7.92 5.13 -14.62
CA TRP A 540 -9.29 4.64 -14.93
C TRP A 540 -10.36 5.53 -14.29
N MET A 541 -9.98 6.42 -13.38
CA MET A 541 -11.05 7.24 -12.76
C MET A 541 -11.29 8.45 -13.66
N THR A 542 -12.11 8.29 -14.70
CA THR A 542 -12.31 9.41 -15.67
C THR A 542 -13.50 9.11 -16.58
N THR A 543 -13.96 10.13 -17.31
CA THR A 543 -15.07 9.92 -18.28
C THR A 543 -14.52 10.02 -19.72
N GLU A 544 -13.23 10.27 -19.89
CA GLU A 544 -12.55 10.15 -21.20
C GLU A 544 -12.73 8.72 -21.73
N ASP A 545 -12.76 8.60 -23.05
CA ASP A 545 -12.89 7.34 -23.81
C ASP A 545 -11.72 6.40 -23.41
N MET A 546 -12.00 5.14 -23.07
CA MET A 546 -10.96 4.22 -22.49
C MET A 546 -9.94 3.86 -23.57
N LEU A 547 -10.28 3.89 -24.85
CA LEU A 547 -9.25 3.61 -25.89
C LEU A 547 -8.23 4.76 -25.92
N THR A 548 -8.69 5.99 -25.71
CA THR A 548 -7.80 7.17 -25.69
C THR A 548 -6.88 7.06 -24.47
N VAL A 549 -7.43 6.75 -23.31
CA VAL A 549 -6.61 6.54 -22.09
C VAL A 549 -5.63 5.39 -22.31
N TRP A 550 -6.06 4.27 -22.92
CA TRP A 550 -5.17 3.11 -23.15
C TRP A 550 -3.96 3.59 -23.97
N ASN A 551 -4.21 4.35 -25.05
CA ASN A 551 -3.13 4.84 -25.93
C ASN A 551 -2.18 5.73 -25.14
N ARG A 552 -2.69 6.60 -24.29
CA ARG A 552 -1.82 7.50 -23.54
C ARG A 552 -0.91 6.69 -22.59
N VAL A 553 -1.45 5.72 -21.86
CA VAL A 553 -0.75 5.00 -20.77
C VAL A 553 0.25 3.99 -21.36
N TRP A 554 -0.16 3.20 -22.36
CA TRP A 554 0.60 2.02 -22.84
C TRP A 554 1.48 2.40 -24.02
N ILE A 555 1.20 3.52 -24.72
CA ILE A 555 1.99 3.93 -25.93
C ILE A 555 2.65 5.28 -25.69
N GLN A 556 1.86 6.37 -25.63
CA GLN A 556 2.41 7.75 -25.71
C GLN A 556 3.35 8.01 -24.54
N GLU A 557 2.92 7.73 -23.30
CA GLU A 557 3.69 8.06 -22.07
C GLU A 557 4.50 6.86 -21.56
N ASN A 558 4.56 5.77 -22.32
CA ASN A 558 5.30 4.54 -21.91
C ASN A 558 6.78 4.70 -22.27
N PRO A 559 7.72 4.93 -21.32
CA PRO A 559 9.12 5.09 -21.69
C PRO A 559 9.78 3.82 -22.24
N TRP A 560 9.15 2.65 -22.13
CA TRP A 560 9.72 1.40 -22.71
C TRP A 560 9.25 1.14 -24.14
N MET A 561 8.38 1.99 -24.72
CA MET A 561 7.78 1.81 -26.08
C MET A 561 8.39 2.86 -27.01
N GLU A 562 9.30 2.49 -27.90
CA GLU A 562 9.97 3.49 -28.77
C GLU A 562 9.02 3.94 -29.90
N ASP A 563 8.28 3.05 -30.54
CA ASP A 563 7.33 3.37 -31.63
C ASP A 563 6.04 3.92 -31.04
N LYS A 564 5.71 5.18 -31.33
CA LYS A 564 4.57 5.88 -30.70
C LYS A 564 3.32 5.78 -31.59
N THR A 565 3.26 4.87 -32.55
CA THR A 565 2.08 4.77 -33.45
C THR A 565 0.84 4.43 -32.61
N PRO A 566 -0.24 5.26 -32.61
CA PRO A 566 -1.44 4.97 -31.84
C PRO A 566 -2.12 3.69 -32.30
N VAL A 567 -2.82 3.04 -31.38
CA VAL A 567 -3.67 1.88 -31.72
C VAL A 567 -5.06 2.44 -32.08
N GLU A 568 -5.72 1.94 -33.11
CA GLU A 568 -6.94 2.59 -33.68
C GLU A 568 -8.18 1.88 -33.16
N SER A 569 -8.06 0.64 -32.70
CA SER A 569 -9.22 -0.10 -32.16
C SER A 569 -8.79 -1.15 -31.13
N TRP A 570 -9.74 -1.52 -30.28
CA TRP A 570 -9.50 -2.56 -29.23
C TRP A 570 -9.05 -3.87 -29.88
N GLU A 571 -9.37 -4.16 -31.15
CA GLU A 571 -9.01 -5.48 -31.75
C GLU A 571 -7.50 -5.54 -32.02
N GLU A 572 -6.81 -4.43 -32.10
CA GLU A 572 -5.32 -4.43 -32.21
C GLU A 572 -4.69 -4.80 -30.85
N ILE A 573 -5.47 -4.79 -29.77
CA ILE A 573 -4.91 -4.96 -28.40
C ILE A 573 -5.01 -6.45 -28.04
N PRO A 574 -3.87 -7.12 -27.80
CA PRO A 574 -3.82 -8.59 -27.64
C PRO A 574 -4.33 -9.11 -26.27
N TYR A 575 -4.66 -10.39 -26.24
CA TYR A 575 -4.87 -11.20 -25.02
C TYR A 575 -3.65 -12.10 -24.72
N LEU A 576 -3.52 -12.60 -23.49
CA LEU A 576 -2.57 -13.70 -23.14
C LEU A 576 -2.99 -14.92 -23.97
N GLY A 577 -2.11 -15.92 -24.08
CA GLY A 577 -2.47 -17.22 -24.68
C GLY A 577 -3.71 -17.81 -24.00
N LYS A 578 -4.60 -18.43 -24.79
CA LYS A 578 -5.82 -19.09 -24.25
C LYS A 578 -5.43 -19.94 -23.04
N ARG A 579 -4.37 -20.75 -23.17
CA ARG A 579 -3.97 -21.69 -22.10
C ARG A 579 -3.46 -20.87 -20.89
N GLU A 580 -2.70 -19.81 -21.14
CA GLU A 580 -2.13 -18.94 -20.07
C GLU A 580 -3.26 -18.14 -19.39
N ASP A 581 -4.38 -17.90 -20.08
CA ASP A 581 -5.57 -17.21 -19.51
C ASP A 581 -6.29 -18.17 -18.57
N GLN A 582 -6.41 -19.43 -18.97
CA GLN A 582 -7.00 -20.49 -18.13
C GLN A 582 -6.13 -20.71 -16.91
N TRP A 583 -4.81 -20.83 -17.06
CA TRP A 583 -3.87 -20.96 -15.91
C TRP A 583 -4.12 -19.85 -14.87
N CYS A 584 -4.34 -18.59 -15.33
CA CYS A 584 -4.52 -17.43 -14.42
C CYS A 584 -6.00 -17.25 -14.04
N GLY A 585 -6.84 -18.26 -14.28
CA GLY A 585 -8.20 -18.40 -13.70
C GLY A 585 -9.36 -18.18 -14.68
N SER A 586 -9.13 -17.95 -15.98
CA SER A 586 -10.22 -17.78 -16.98
C SER A 586 -11.20 -18.97 -16.95
N LEU A 587 -12.46 -18.67 -17.21
CA LEU A 587 -13.53 -19.67 -17.39
C LEU A 587 -13.70 -19.96 -18.87
N ILE A 588 -12.91 -19.37 -19.76
CA ILE A 588 -13.02 -19.63 -21.23
C ILE A 588 -12.95 -21.17 -21.43
N GLY A 589 -13.88 -21.75 -22.20
CA GLY A 589 -13.95 -23.21 -22.39
C GLY A 589 -15.08 -23.83 -21.59
N LEU A 590 -15.60 -23.17 -20.57
CA LEU A 590 -16.76 -23.70 -19.82
C LEU A 590 -18.07 -23.28 -20.48
N THR A 591 -19.04 -24.17 -20.38
CA THR A 591 -20.43 -23.97 -20.85
C THR A 591 -21.07 -22.78 -20.14
N SER A 592 -20.93 -22.64 -18.82
CA SER A 592 -21.45 -21.45 -18.09
C SER A 592 -20.93 -20.14 -18.74
N ARG A 593 -19.66 -20.12 -19.14
CA ARG A 593 -19.02 -18.89 -19.66
C ARG A 593 -19.55 -18.63 -21.06
N ALA A 594 -19.59 -19.65 -21.93
CA ALA A 594 -20.09 -19.51 -23.32
C ALA A 594 -21.54 -18.95 -23.28
N THR A 595 -22.38 -19.44 -22.41
CA THR A 595 -23.78 -18.98 -22.34
C THR A 595 -23.82 -17.51 -21.88
N TRP A 596 -23.06 -17.19 -20.86
CA TRP A 596 -22.90 -15.77 -20.44
C TRP A 596 -22.48 -14.89 -21.62
N ALA A 597 -21.39 -15.21 -22.31
CA ALA A 597 -20.86 -14.36 -23.40
C ALA A 597 -21.89 -14.20 -24.52
N LYS A 598 -22.53 -15.30 -24.88
CA LYS A 598 -23.53 -15.32 -25.98
C LYS A 598 -24.74 -14.44 -25.63
N ASN A 599 -25.25 -14.54 -24.41
CA ASN A 599 -26.47 -13.85 -23.93
C ASN A 599 -26.12 -12.54 -23.20
N ILE A 600 -24.97 -11.93 -23.41
CA ILE A 600 -24.54 -10.76 -22.56
C ILE A 600 -25.51 -9.56 -22.70
N GLN A 601 -26.12 -9.35 -23.88
N GLN A 601 -26.13 -9.36 -23.88
CA GLN A 601 -27.05 -8.21 -24.12
CA GLN A 601 -27.04 -8.20 -24.11
C GLN A 601 -28.28 -8.33 -23.19
C GLN A 601 -28.29 -8.33 -23.21
N THR A 602 -28.71 -9.56 -22.90
CA THR A 602 -29.79 -9.80 -21.91
C THR A 602 -29.39 -9.35 -20.51
N ALA A 603 -28.16 -9.56 -20.10
CA ALA A 603 -27.69 -9.20 -18.74
C ALA A 603 -27.60 -7.69 -18.69
N ILE A 604 -27.01 -7.09 -19.72
CA ILE A 604 -26.82 -5.61 -19.82
C ILE A 604 -28.23 -4.96 -19.72
N ASN A 605 -29.19 -5.51 -20.42
CA ASN A 605 -30.57 -4.97 -20.48
C ASN A 605 -31.26 -5.15 -19.12
N GLN A 606 -30.95 -6.22 -18.38
CA GLN A 606 -31.50 -6.39 -17.01
C GLN A 606 -31.07 -5.21 -16.14
N VAL A 607 -29.78 -4.90 -16.16
CA VAL A 607 -29.23 -3.80 -15.34
C VAL A 607 -29.74 -2.42 -15.85
N ARG A 608 -29.80 -2.20 -17.16
CA ARG A 608 -30.38 -0.94 -17.69
C ARG A 608 -31.83 -0.74 -17.23
N SER A 609 -32.63 -1.80 -17.24
CA SER A 609 -34.04 -1.74 -16.78
C SER A 609 -34.09 -1.37 -15.29
N LEU A 610 -33.18 -1.86 -14.46
CA LEU A 610 -33.18 -1.49 -13.02
C LEU A 610 -32.82 0.00 -12.87
N ILE A 611 -31.81 0.48 -13.57
CA ILE A 611 -31.30 1.87 -13.39
C ILE A 611 -32.34 2.85 -13.98
N GLY A 612 -32.92 2.50 -15.13
CA GLY A 612 -34.10 3.16 -15.76
C GLY A 612 -33.75 3.78 -17.12
N ASN A 613 -34.51 4.76 -17.54
CA ASN A 613 -34.44 5.40 -18.89
C ASN A 613 -33.38 6.52 -18.92
N GLU A 614 -32.13 6.15 -19.16
CA GLU A 614 -30.93 7.01 -19.05
C GLU A 614 -30.26 6.91 -20.40
N GLU A 615 -29.19 7.63 -20.64
CA GLU A 615 -28.47 7.50 -21.94
C GLU A 615 -27.36 6.48 -21.71
N TYR A 616 -27.37 5.42 -22.51
CA TYR A 616 -26.38 4.32 -22.53
C TYR A 616 -25.73 4.21 -23.90
N THR A 617 -24.46 3.74 -23.93
CA THR A 617 -23.68 3.33 -25.15
C THR A 617 -23.48 1.80 -25.16
N ASP A 618 -23.61 1.17 -26.34
CA ASP A 618 -23.22 -0.26 -26.51
C ASP A 618 -21.71 -0.32 -26.80
N TYR A 619 -20.91 -0.80 -25.84
CA TYR A 619 -19.46 -1.04 -26.08
C TYR A 619 -19.17 -2.48 -26.54
N MET A 620 -20.14 -3.39 -26.61
CA MET A 620 -19.84 -4.81 -26.99
C MET A 620 -19.28 -4.92 -28.43
N PRO A 621 -19.76 -4.19 -29.47
CA PRO A 621 -19.14 -4.27 -30.83
C PRO A 621 -17.66 -3.89 -31.01
N SER A 622 -16.99 -3.29 -30.00
CA SER A 622 -15.50 -3.11 -29.87
C SER A 622 -14.77 -4.48 -29.84
N MET A 623 -15.49 -5.56 -29.54
CA MET A 623 -14.94 -6.95 -29.55
C MET A 623 -15.37 -7.66 -30.84
N LYS A 624 -14.44 -8.38 -31.49
CA LYS A 624 -14.65 -9.05 -32.80
C LYS A 624 -15.95 -9.87 -32.81
N ARG A 625 -16.23 -10.68 -31.77
CA ARG A 625 -17.36 -11.66 -31.76
C ARG A 625 -18.75 -10.97 -31.78
N PHE A 626 -18.88 -9.71 -31.34
CA PHE A 626 -20.16 -8.94 -31.32
C PHE A 626 -20.18 -7.96 -32.50
N ARG A 627 -19.07 -7.94 -33.24
CA ARG A 627 -18.94 -7.24 -34.54
C ARG A 627 -19.40 -8.24 -35.62
N ARG A 628 -20.72 -8.36 -35.83
CA ARG A 628 -21.39 -8.95 -37.03
C ARG A 628 -20.66 -10.18 -37.56
#